data_1M4I
#
_entry.id   1M4I
#
_cell.length_a   48.800
_cell.length_b   86.600
_cell.length_c   98.300
_cell.angle_alpha   90.00
_cell.angle_beta   90.00
_cell.angle_gamma   90.00
#
_symmetry.space_group_name_H-M   'P 21 21 21'
#
loop_
_entity.id
_entity.type
_entity.pdbx_description
1 polymer "Aminoglycoside 2'-N-acetyltransferase"
2 non-polymer 'COENZYME A'
3 non-polymer 'KANAMYCIN A'
4 non-polymer "3'-PHOSPHATE-ADENOSINE-5'-DIPHOSPHATE"
5 water water
#
_entity_poly.entity_id   1
_entity_poly.type   'polypeptide(L)'
_entity_poly.pdbx_seq_one_letter_code
;MHTQVHTARLVHTADLDSETRQDIRQMVTGAFAGDFTETDWEHTLGGMHALIWHHGAIIAHAAVIQRRLIYRGNALRCGY
VEGVAVRADWRGQRLVSALLDAVEQVMRGAYQLGALSSSARARRLYASRGWLPWHGPTSVLAPTGPVRTPDDDGTVFVLP
IDISLDTSAELMCDWRAGDVW
;
_entity_poly.pdbx_strand_id   A,B
#
loop_
_chem_comp.id
_chem_comp.type
_chem_comp.name
_chem_comp.formula
COA non-polymer 'COENZYME A' 'C21 H36 N7 O16 P3 S'
KAN non-polymer 'KANAMYCIN A' 'C18 H36 N4 O11'
PAP non-polymer 3'-PHOSPHATE-ADENOSINE-5'-DIPHOSPHATE 'C10 H16 N5 O13 P3'
#
# COMPACT_ATOMS: atom_id res chain seq x y z
N MET A 1 3.65 -11.22 29.59
CA MET A 1 3.08 -11.57 28.26
C MET A 1 3.41 -13.06 28.02
N HIS A 2 2.49 -13.69 27.36
CA HIS A 2 2.64 -15.09 27.06
C HIS A 2 3.57 -15.29 25.86
N THR A 3 3.82 -16.54 25.49
CA THR A 3 4.82 -16.86 24.45
C THR A 3 4.50 -16.40 23.02
N GLN A 4 3.24 -16.06 22.78
CA GLN A 4 2.79 -15.60 21.45
C GLN A 4 2.74 -16.71 20.42
N VAL A 5 2.70 -17.95 20.87
CA VAL A 5 2.71 -19.10 19.95
C VAL A 5 1.48 -19.05 19.02
N HIS A 6 1.79 -19.09 17.74
CA HIS A 6 0.80 -19.10 16.63
C HIS A 6 -0.01 -17.83 16.48
N THR A 7 0.38 -16.74 17.18
CA THR A 7 -0.23 -15.45 16.91
C THR A 7 0.42 -14.91 15.66
N ALA A 8 -0.34 -14.42 14.68
CA ALA A 8 0.30 -13.91 13.48
C ALA A 8 1.06 -12.60 13.76
N ARG A 9 2.23 -12.49 13.13
CA ARG A 9 3.12 -11.33 13.30
C ARG A 9 3.08 -10.54 12.02
N LEU A 10 2.97 -9.21 12.12
CA LEU A 10 2.88 -8.36 10.93
C LEU A 10 4.25 -7.82 10.59
N VAL A 11 4.70 -8.10 9.38
CA VAL A 11 6.04 -7.66 8.91
C VAL A 11 5.91 -7.06 7.53
N HIS A 12 6.39 -5.84 7.38
CA HIS A 12 6.37 -5.23 6.06
C HIS A 12 7.29 -5.93 5.09
N THR A 13 6.94 -5.96 3.78
CA THR A 13 7.81 -6.61 2.81
C THR A 13 9.31 -6.15 3.00
N ALA A 14 9.53 -4.86 3.19
CA ALA A 14 10.91 -4.38 3.27
C ALA A 14 11.65 -4.86 4.48
N ASP A 15 10.92 -5.41 5.45
CA ASP A 15 11.61 -5.93 6.67
C ASP A 15 11.73 -7.45 6.65
N LEU A 16 11.46 -8.08 5.51
CA LEU A 16 11.63 -9.54 5.46
C LEU A 16 13.10 -9.86 5.15
N ASP A 17 13.72 -10.72 5.99
CA ASP A 17 15.09 -11.12 5.63
C ASP A 17 14.94 -12.04 4.36
N SER A 18 15.99 -12.22 3.54
CA SER A 18 15.92 -13.02 2.31
C SER A 18 15.49 -14.49 2.52
N GLU A 19 15.90 -15.08 3.63
CA GLU A 19 15.56 -16.47 3.93
C GLU A 19 14.03 -16.56 4.16
N THR A 20 13.50 -15.60 4.95
CA THR A 20 12.08 -15.61 5.22
C THR A 20 11.29 -15.31 3.97
N ARG A 21 11.74 -14.35 3.18
CA ARG A 21 11.02 -14.06 1.95
C ARG A 21 10.94 -15.30 1.04
N GLN A 22 12.06 -16.04 0.89
CA GLN A 22 12.05 -17.26 0.09
C GLN A 22 11.16 -18.34 0.69
N ASP A 23 11.16 -18.49 2.02
CA ASP A 23 10.29 -19.51 2.64
C ASP A 23 8.80 -19.15 2.40
N ILE A 24 8.45 -17.86 2.58
CA ILE A 24 7.08 -17.50 2.28
C ILE A 24 6.71 -17.82 0.83
N ARG A 25 7.58 -17.45 -0.11
CA ARG A 25 7.25 -17.64 -1.51
C ARG A 25 7.08 -19.13 -1.86
N GLN A 26 7.93 -19.98 -1.29
CA GLN A 26 7.79 -21.40 -1.64
C GLN A 26 6.60 -22.00 -0.92
N MET A 27 6.34 -21.58 0.32
CA MET A 27 5.21 -22.11 1.03
C MET A 27 3.90 -21.72 0.34
N VAL A 28 3.74 -20.42 0.03
CA VAL A 28 2.49 -20.00 -0.58
C VAL A 28 2.34 -20.66 -1.98
N THR A 29 3.43 -20.70 -2.77
CA THR A 29 3.31 -21.27 -4.10
C THR A 29 2.90 -22.74 -3.98
N GLY A 30 3.49 -23.47 -3.05
CA GLY A 30 3.07 -24.85 -2.91
C GLY A 30 1.69 -25.05 -2.32
N ALA A 31 1.22 -24.07 -1.52
CA ALA A 31 -0.09 -24.22 -0.93
C ALA A 31 -1.22 -24.12 -1.92
N PHE A 32 -0.94 -23.49 -3.08
CA PHE A 32 -1.92 -23.28 -4.14
C PHE A 32 -1.92 -24.34 -5.25
N ALA A 33 -1.19 -25.43 -5.03
CA ALA A 33 -1.23 -26.52 -6.02
C ALA A 33 -1.17 -26.13 -7.52
N GLY A 34 -0.11 -25.46 -7.89
CA GLY A 34 0.11 -25.10 -9.27
C GLY A 34 -0.61 -23.90 -9.82
N ASP A 35 -1.35 -23.20 -8.98
CA ASP A 35 -2.15 -22.10 -9.50
C ASP A 35 -1.66 -20.72 -9.06
N PHE A 36 -0.42 -20.63 -8.64
CA PHE A 36 0.09 -19.35 -8.12
C PHE A 36 1.27 -18.94 -8.97
N THR A 37 1.13 -17.90 -9.79
CA THR A 37 2.16 -17.50 -10.71
C THR A 37 3.15 -16.50 -10.18
N GLU A 38 4.19 -16.19 -10.96
CA GLU A 38 5.14 -15.21 -10.47
C GLU A 38 4.39 -13.86 -10.38
N THR A 39 3.34 -13.64 -11.17
CA THR A 39 2.64 -12.34 -11.07
C THR A 39 1.81 -12.35 -9.78
N ASP A 40 1.24 -13.50 -9.39
CA ASP A 40 0.54 -13.58 -8.13
C ASP A 40 1.55 -13.32 -7.00
N TRP A 41 2.78 -13.78 -7.12
CA TRP A 41 3.77 -13.47 -6.07
C TRP A 41 4.01 -11.95 -5.97
N GLU A 42 4.15 -11.29 -7.11
CA GLU A 42 4.37 -9.86 -7.15
C GLU A 42 3.23 -9.15 -6.41
N HIS A 43 2.03 -9.68 -6.58
CA HIS A 43 0.84 -9.12 -5.94
C HIS A 43 0.83 -9.21 -4.45
N THR A 44 1.67 -10.07 -3.88
CA THR A 44 1.75 -10.14 -2.40
C THR A 44 2.73 -9.11 -1.85
N LEU A 45 3.46 -8.39 -2.70
CA LEU A 45 4.50 -7.52 -2.22
C LEU A 45 4.09 -6.06 -2.05
N GLY A 46 4.70 -5.41 -1.05
CA GLY A 46 4.54 -3.98 -0.83
C GLY A 46 3.84 -3.54 0.41
N GLY A 47 3.23 -4.48 1.11
CA GLY A 47 2.47 -4.19 2.32
C GLY A 47 2.87 -5.00 3.52
N MET A 48 1.87 -5.31 4.33
CA MET A 48 2.15 -6.06 5.54
C MET A 48 1.82 -7.52 5.39
N HIS A 49 2.83 -8.34 5.67
CA HIS A 49 2.65 -9.82 5.66
C HIS A 49 2.32 -10.28 7.05
N ALA A 50 1.20 -10.96 7.20
CA ALA A 50 0.86 -11.63 8.48
C ALA A 50 1.45 -13.02 8.41
N LEU A 51 2.36 -13.29 9.39
CA LEU A 51 3.10 -14.57 9.35
C LEU A 51 2.88 -15.38 10.63
N ILE A 52 2.73 -16.71 10.45
CA ILE A 52 2.66 -17.59 11.67
C ILE A 52 3.84 -18.57 11.53
N TRP A 53 4.64 -18.57 12.59
CA TRP A 53 5.89 -19.33 12.68
C TRP A 53 5.72 -20.59 13.50
N HIS A 54 6.39 -21.65 13.04
CA HIS A 54 6.44 -22.86 13.87
C HIS A 54 7.79 -23.50 13.60
N HIS A 55 8.58 -23.66 14.69
CA HIS A 55 9.94 -24.21 14.52
C HIS A 55 10.80 -23.53 13.43
N GLY A 56 10.66 -22.20 13.36
CA GLY A 56 11.48 -21.42 12.48
C GLY A 56 11.06 -21.46 11.01
N ALA A 57 9.87 -22.03 10.75
CA ALA A 57 9.34 -22.07 9.37
C ALA A 57 8.00 -21.35 9.33
N ILE A 58 7.69 -20.77 8.15
CA ILE A 58 6.40 -20.12 8.00
C ILE A 58 5.32 -21.19 7.68
N ILE A 59 4.38 -21.31 8.56
CA ILE A 59 3.27 -22.28 8.36
C ILE A 59 1.99 -21.62 7.94
N ALA A 60 1.93 -20.27 7.97
CA ALA A 60 0.72 -19.59 7.47
C ALA A 60 1.14 -18.17 7.09
N HIS A 61 0.44 -17.66 6.07
CA HIS A 61 0.71 -16.32 5.52
C HIS A 61 -0.52 -15.64 4.94
N ALA A 62 -0.62 -14.34 5.12
CA ALA A 62 -1.59 -13.54 4.32
C ALA A 62 -1.02 -12.15 4.20
N ALA A 63 -0.98 -11.57 3.02
CA ALA A 63 -0.46 -10.19 2.88
C ALA A 63 -1.57 -9.20 2.65
N VAL A 64 -1.45 -8.00 3.27
CA VAL A 64 -2.37 -6.94 3.02
C VAL A 64 -1.64 -5.84 2.28
N ILE A 65 -2.04 -5.61 1.02
CA ILE A 65 -1.38 -4.60 0.21
C ILE A 65 -2.33 -3.44 -0.04
N GLN A 66 -1.78 -2.26 -0.24
CA GLN A 66 -2.68 -1.13 -0.48
C GLN A 66 -3.01 -0.92 -1.96
N ARG A 67 -4.29 -0.66 -2.25
CA ARG A 67 -4.68 -0.31 -3.61
C ARG A 67 -5.93 0.55 -3.50
N ARG A 68 -6.49 0.99 -4.63
CA ARG A 68 -7.76 1.75 -4.62
C ARG A 68 -8.81 0.91 -5.33
N LEU A 69 -10.03 0.91 -4.74
CA LEU A 69 -11.16 0.32 -5.44
C LEU A 69 -12.14 1.49 -5.67
N ILE A 70 -12.63 1.65 -6.89
CA ILE A 70 -13.55 2.76 -7.20
C ILE A 70 -15.01 2.34 -7.10
N TYR A 71 -15.69 3.07 -6.25
CA TYR A 71 -17.09 2.83 -5.87
C TYR A 71 -17.82 4.18 -6.01
N ARG A 72 -18.82 4.22 -6.89
CA ARG A 72 -19.57 5.48 -7.10
C ARG A 72 -18.71 6.67 -7.33
N GLY A 73 -17.67 6.47 -8.11
CA GLY A 73 -16.81 7.58 -8.43
C GLY A 73 -15.81 7.96 -7.35
N ASN A 74 -15.77 7.19 -6.26
CA ASN A 74 -14.87 7.47 -5.12
C ASN A 74 -13.73 6.38 -5.12
N ALA A 75 -12.47 6.78 -5.09
CA ALA A 75 -11.35 5.80 -5.02
C ALA A 75 -11.09 5.49 -3.55
N LEU A 76 -11.66 4.36 -3.10
CA LEU A 76 -11.60 3.99 -1.66
C LEU A 76 -10.24 3.43 -1.36
N ARG A 77 -9.74 3.73 -0.17
CA ARG A 77 -8.39 3.26 0.27
C ARG A 77 -8.57 1.83 0.77
N CYS A 78 -8.03 0.88 -0.01
CA CYS A 78 -8.32 -0.52 0.27
C CYS A 78 -7.11 -1.34 0.69
N GLY A 79 -7.30 -2.12 1.76
CA GLY A 79 -6.26 -3.17 2.08
C GLY A 79 -6.74 -4.43 1.34
N TYR A 80 -5.97 -4.91 0.40
CA TYR A 80 -6.37 -6.07 -0.43
C TYR A 80 -5.59 -7.32 0.02
N VAL A 81 -6.27 -8.41 0.25
CA VAL A 81 -5.62 -9.60 0.87
C VAL A 81 -5.13 -10.55 -0.16
N GLU A 82 -3.81 -10.79 -0.15
CA GLU A 82 -3.19 -11.70 -1.16
C GLU A 82 -2.42 -12.84 -0.55
N GLY A 83 -2.40 -13.95 -1.26
CA GLY A 83 -1.59 -15.06 -0.82
C GLY A 83 -2.01 -15.72 0.48
N VAL A 84 -3.30 -15.77 0.79
CA VAL A 84 -3.76 -16.42 2.02
C VAL A 84 -3.48 -17.90 1.93
N ALA A 85 -2.66 -18.43 2.87
CA ALA A 85 -2.30 -19.87 2.78
C ALA A 85 -1.85 -20.40 4.10
N VAL A 86 -2.29 -21.65 4.41
CA VAL A 86 -1.82 -22.36 5.59
C VAL A 86 -1.13 -23.61 5.00
N ARG A 87 0.09 -23.89 5.42
CA ARG A 87 0.82 -25.05 4.89
C ARG A 87 -0.02 -26.30 5.13
N ALA A 88 0.04 -27.20 4.14
CA ALA A 88 -0.95 -28.31 4.18
C ALA A 88 -0.94 -29.19 5.41
N ASP A 89 0.25 -29.45 5.98
CA ASP A 89 0.32 -30.23 7.21
C ASP A 89 -0.31 -29.62 8.43
N TRP A 90 -0.60 -28.30 8.35
CA TRP A 90 -1.15 -27.55 9.48
C TRP A 90 -2.58 -27.07 9.25
N ARG A 91 -3.20 -27.59 8.19
CA ARG A 91 -4.59 -27.20 7.90
C ARG A 91 -5.60 -27.88 8.83
N GLY A 92 -6.79 -27.25 8.92
CA GLY A 92 -7.83 -27.82 9.75
C GLY A 92 -7.70 -27.55 11.22
N GLN A 93 -6.86 -26.57 11.60
CA GLN A 93 -6.64 -26.19 12.99
C GLN A 93 -6.99 -24.69 13.23
N ARG A 94 -7.69 -24.11 12.26
CA ARG A 94 -8.18 -22.72 12.36
C ARG A 94 -7.05 -21.70 12.35
N LEU A 95 -5.88 -22.06 11.84
CA LEU A 95 -4.82 -21.06 11.76
C LEU A 95 -5.24 -19.92 10.82
N VAL A 96 -6.08 -20.16 9.81
CA VAL A 96 -6.48 -19.03 8.98
C VAL A 96 -7.22 -17.99 9.84
N SER A 97 -7.88 -18.38 10.93
CA SER A 97 -8.56 -17.40 11.77
C SER A 97 -7.54 -16.48 12.45
N ALA A 98 -6.39 -17.04 12.85
CA ALA A 98 -5.33 -16.23 13.44
C ALA A 98 -4.75 -15.33 12.35
N LEU A 99 -4.59 -15.75 11.11
CA LEU A 99 -4.11 -14.82 10.08
C LEU A 99 -5.15 -13.68 9.95
N LEU A 100 -6.44 -14.03 9.89
CA LEU A 100 -7.45 -13.01 9.69
C LEU A 100 -7.60 -12.08 10.81
N ASP A 101 -7.30 -12.50 12.05
CA ASP A 101 -7.32 -11.53 13.19
C ASP A 101 -6.33 -10.43 12.87
N ALA A 102 -5.15 -10.76 12.38
CA ALA A 102 -4.16 -9.73 12.06
C ALA A 102 -4.54 -8.92 10.84
N VAL A 103 -4.97 -9.60 9.76
CA VAL A 103 -5.45 -8.89 8.57
C VAL A 103 -6.55 -7.87 8.93
N GLU A 104 -7.55 -8.28 9.69
CA GLU A 104 -8.68 -7.38 9.99
C GLU A 104 -8.23 -6.24 10.92
N GLN A 105 -7.26 -6.46 11.80
CA GLN A 105 -6.70 -5.37 12.62
C GLN A 105 -6.01 -4.34 11.70
N VAL A 106 -5.30 -4.81 10.67
CA VAL A 106 -4.66 -3.88 9.73
C VAL A 106 -5.79 -3.07 9.00
N MET A 107 -6.89 -3.71 8.62
CA MET A 107 -7.96 -2.94 7.94
C MET A 107 -8.53 -1.89 8.87
N ARG A 108 -8.88 -2.27 10.11
CA ARG A 108 -9.47 -1.28 10.98
C ARG A 108 -8.52 -0.14 11.25
N GLY A 109 -7.21 -0.40 11.29
CA GLY A 109 -6.29 0.67 11.64
C GLY A 109 -5.80 1.54 10.50
N ALA A 110 -5.98 1.09 9.26
CA ALA A 110 -5.35 1.81 8.15
C ALA A 110 -6.16 2.03 6.88
N TYR A 111 -7.33 1.37 6.70
CA TYR A 111 -8.01 1.45 5.41
C TYR A 111 -9.47 1.75 5.57
N GLN A 112 -10.11 2.10 4.45
CA GLN A 112 -11.57 2.32 4.46
C GLN A 112 -12.29 1.02 4.29
N LEU A 113 -11.65 0.03 3.64
CA LEU A 113 -12.23 -1.33 3.56
C LEU A 113 -11.14 -2.32 3.26
N GLY A 114 -11.37 -3.54 3.72
CA GLY A 114 -10.59 -4.66 3.23
C GLY A 114 -11.39 -5.25 2.05
N ALA A 115 -10.64 -5.94 1.18
CA ALA A 115 -11.22 -6.71 0.09
C ALA A 115 -10.31 -7.85 -0.30
N LEU A 116 -10.93 -8.86 -0.92
CA LEU A 116 -10.19 -10.07 -1.36
C LEU A 116 -11.07 -10.88 -2.29
N SER A 117 -10.38 -11.75 -3.04
CA SER A 117 -11.06 -12.73 -3.94
C SER A 117 -11.12 -14.09 -3.23
N SER A 118 -12.31 -14.58 -3.01
CA SER A 118 -12.48 -15.87 -2.28
C SER A 118 -12.84 -17.08 -3.16
N SER A 119 -12.35 -18.26 -2.80
CA SER A 119 -12.74 -19.47 -3.53
C SER A 119 -14.13 -19.78 -3.00
N ALA A 120 -14.89 -20.66 -3.67
CA ALA A 120 -16.22 -20.97 -3.17
C ALA A 120 -16.11 -21.69 -1.83
N ARG A 121 -15.04 -22.45 -1.66
CA ARG A 121 -14.86 -23.20 -0.43
C ARG A 121 -14.66 -22.30 0.79
N ALA A 122 -13.98 -21.18 0.59
CA ALA A 122 -13.68 -20.30 1.70
C ALA A 122 -14.72 -19.24 1.97
N ARG A 123 -15.76 -19.19 1.17
CA ARG A 123 -16.76 -18.14 1.36
C ARG A 123 -17.34 -18.09 2.75
N ARG A 124 -17.61 -19.26 3.26
CA ARG A 124 -18.23 -19.39 4.55
C ARG A 124 -17.35 -18.84 5.64
N LEU A 125 -16.05 -19.11 5.53
CA LEU A 125 -15.14 -18.59 6.53
C LEU A 125 -15.27 -17.03 6.60
N TYR A 126 -15.07 -16.39 5.46
CA TYR A 126 -15.11 -14.92 5.42
C TYR A 126 -16.47 -14.39 5.85
N ALA A 127 -17.55 -14.96 5.34
CA ALA A 127 -18.85 -14.51 5.78
C ALA A 127 -19.10 -14.64 7.24
N SER A 128 -18.60 -15.72 7.92
CA SER A 128 -18.86 -15.84 9.37
C SER A 128 -18.15 -14.79 10.18
N ARG A 129 -17.11 -14.18 9.59
CA ARG A 129 -16.39 -13.16 10.29
C ARG A 129 -16.87 -11.78 9.98
N GLY A 130 -17.96 -11.69 9.20
CA GLY A 130 -18.42 -10.31 8.96
C GLY A 130 -18.04 -9.73 7.58
N TRP A 131 -17.30 -10.50 6.77
CA TRP A 131 -17.00 -9.95 5.43
C TRP A 131 -18.30 -10.09 4.60
N LEU A 132 -18.50 -9.15 3.69
CA LEU A 132 -19.72 -9.17 2.90
C LEU A 132 -19.42 -9.57 1.46
N PRO A 133 -20.25 -10.44 0.88
CA PRO A 133 -19.99 -10.84 -0.50
C PRO A 133 -20.39 -9.68 -1.39
N TRP A 134 -19.53 -9.39 -2.37
CA TRP A 134 -19.90 -8.33 -3.32
C TRP A 134 -20.82 -8.90 -4.41
N HIS A 135 -22.04 -8.39 -4.49
CA HIS A 135 -23.01 -8.96 -5.43
C HIS A 135 -23.04 -8.23 -6.78
N GLY A 136 -22.55 -6.99 -6.83
CA GLY A 136 -22.60 -6.18 -8.07
C GLY A 136 -21.53 -6.61 -9.05
N PRO A 137 -21.65 -6.11 -10.26
CA PRO A 137 -20.65 -6.46 -11.28
C PRO A 137 -19.30 -5.84 -10.94
N THR A 138 -18.26 -6.63 -11.28
CA THR A 138 -16.91 -6.13 -11.05
C THR A 138 -16.29 -5.70 -12.35
N SER A 139 -15.35 -4.77 -12.24
CA SER A 139 -14.65 -4.26 -13.43
C SER A 139 -13.23 -3.82 -12.95
N VAL A 140 -12.39 -3.45 -13.92
CA VAL A 140 -11.06 -2.88 -13.62
C VAL A 140 -10.86 -1.62 -14.46
N LEU A 141 -10.21 -0.64 -13.88
CA LEU A 141 -9.87 0.60 -14.61
C LEU A 141 -8.58 0.33 -15.34
N ALA A 142 -8.69 -0.29 -16.54
CA ALA A 142 -7.49 -0.58 -17.35
C ALA A 142 -7.02 0.70 -18.05
N PRO A 143 -5.82 0.65 -18.64
CA PRO A 143 -5.31 1.85 -19.31
C PRO A 143 -6.19 2.38 -20.45
N THR A 144 -7.06 1.52 -20.98
CA THR A 144 -8.00 1.90 -22.05
C THR A 144 -9.34 2.42 -21.48
N GLY A 145 -9.54 2.28 -20.17
CA GLY A 145 -10.75 2.76 -19.53
C GLY A 145 -11.35 1.56 -18.79
N PRO A 146 -12.50 1.73 -18.21
CA PRO A 146 -13.17 0.68 -17.47
C PRO A 146 -13.47 -0.54 -18.31
N VAL A 147 -13.25 -1.74 -17.80
CA VAL A 147 -13.62 -2.95 -18.52
C VAL A 147 -14.11 -3.97 -17.52
N ARG A 148 -15.21 -4.63 -17.84
CA ARG A 148 -15.79 -5.62 -16.97
C ARG A 148 -14.88 -6.84 -16.76
N THR A 149 -14.95 -7.46 -15.57
CA THR A 149 -14.19 -8.62 -15.24
C THR A 149 -15.20 -9.68 -14.80
N PRO A 150 -16.00 -10.19 -15.75
CA PRO A 150 -17.00 -11.20 -15.38
C PRO A 150 -16.50 -12.45 -14.68
N ASP A 151 -15.28 -12.88 -14.98
CA ASP A 151 -14.75 -14.07 -14.35
C ASP A 151 -14.58 -13.87 -12.84
N ASP A 152 -14.56 -12.60 -12.42
CA ASP A 152 -14.34 -12.30 -11.00
C ASP A 152 -15.62 -11.99 -10.30
N ASP A 153 -16.74 -12.00 -11.01
CA ASP A 153 -18.02 -11.80 -10.33
C ASP A 153 -18.33 -12.96 -9.43
N GLY A 154 -18.98 -12.64 -8.30
CA GLY A 154 -19.32 -13.70 -7.35
C GLY A 154 -18.14 -14.19 -6.51
N THR A 155 -16.96 -13.53 -6.60
CA THR A 155 -15.82 -13.95 -5.82
C THR A 155 -15.29 -12.95 -4.82
N VAL A 156 -15.66 -11.70 -4.93
CA VAL A 156 -15.05 -10.67 -4.08
C VAL A 156 -15.82 -10.51 -2.78
N PHE A 157 -15.06 -10.34 -1.69
CA PHE A 157 -15.65 -10.06 -0.37
C PHE A 157 -15.05 -8.76 0.11
N VAL A 158 -15.83 -7.97 0.85
CA VAL A 158 -15.34 -6.73 1.38
C VAL A 158 -15.57 -6.61 2.88
N LEU A 159 -14.76 -5.81 3.55
CA LEU A 159 -14.89 -5.59 5.01
C LEU A 159 -14.89 -4.07 5.15
N PRO A 160 -16.07 -3.44 5.14
CA PRO A 160 -16.11 -1.98 5.25
C PRO A 160 -15.74 -1.52 6.67
N ILE A 161 -14.93 -0.47 6.75
CA ILE A 161 -14.53 0.08 8.05
C ILE A 161 -15.24 1.41 8.30
N ASP A 162 -16.27 1.32 9.13
CA ASP A 162 -17.07 2.57 9.39
C ASP A 162 -17.52 3.36 8.11
N ILE A 163 -17.80 2.67 7.01
CA ILE A 163 -18.35 3.33 5.79
C ILE A 163 -19.48 2.43 5.34
N SER A 164 -20.42 2.97 4.59
CA SER A 164 -21.56 2.14 4.17
C SER A 164 -21.48 1.95 2.66
N LEU A 165 -21.31 0.70 2.24
CA LEU A 165 -21.26 0.35 0.82
C LEU A 165 -22.48 -0.46 0.37
N ASP A 166 -23.05 0.00 -0.74
CA ASP A 166 -24.14 -0.72 -1.36
C ASP A 166 -23.43 -1.84 -2.17
N THR A 167 -23.47 -3.05 -1.62
CA THR A 167 -22.74 -4.18 -2.21
C THR A 167 -23.36 -4.75 -3.48
N SER A 168 -24.43 -4.11 -3.93
CA SER A 168 -25.03 -4.47 -5.25
C SER A 168 -24.54 -3.51 -6.34
N ALA A 169 -23.73 -2.50 -6.00
CA ALA A 169 -23.29 -1.53 -7.05
C ALA A 169 -22.09 -2.12 -7.81
N GLU A 170 -21.71 -1.42 -8.86
CA GLU A 170 -20.46 -1.72 -9.55
C GLU A 170 -19.24 -1.47 -8.62
N LEU A 171 -18.22 -2.32 -8.73
CA LEU A 171 -16.97 -2.06 -7.97
C LEU A 171 -15.84 -2.28 -9.00
N MET A 172 -14.98 -1.27 -9.12
CA MET A 172 -13.90 -1.27 -10.12
C MET A 172 -12.52 -1.19 -9.48
N CYS A 173 -11.76 -2.26 -9.66
CA CYS A 173 -10.40 -2.22 -9.06
C CYS A 173 -9.47 -1.48 -9.94
N ASP A 174 -8.38 -1.02 -9.34
CA ASP A 174 -7.31 -0.38 -10.11
C ASP A 174 -6.45 -1.41 -10.87
N TRP A 175 -5.62 -0.92 -11.80
CA TRP A 175 -4.91 -1.80 -12.67
C TRP A 175 -3.62 -2.38 -12.19
N ARG A 176 -3.34 -3.57 -12.71
CA ARG A 176 -2.03 -4.23 -12.45
C ARG A 176 -1.89 -5.38 -13.42
N ALA A 177 -0.70 -5.91 -13.58
CA ALA A 177 -0.52 -7.10 -14.43
C ALA A 177 -1.12 -8.34 -13.86
N GLY A 178 -1.27 -9.39 -14.68
CA GLY A 178 -1.87 -10.63 -14.21
C GLY A 178 -3.37 -10.49 -13.84
N ASP A 179 -3.78 -11.25 -12.83
CA ASP A 179 -5.15 -11.15 -12.40
C ASP A 179 -5.32 -9.85 -11.67
N VAL A 180 -6.31 -9.06 -12.06
CA VAL A 180 -6.51 -7.74 -11.47
C VAL A 180 -7.19 -7.84 -10.12
N TRP A 181 -8.08 -8.81 -9.96
CA TRP A 181 -8.66 -9.13 -8.64
C TRP A 181 -7.86 -10.31 -8.04
N HIS B 6 17.61 12.07 15.71
CA HIS B 6 18.73 11.59 14.86
C HIS B 6 18.40 10.41 13.94
N THR B 7 17.61 9.42 14.36
CA THR B 7 17.28 8.37 13.41
C THR B 7 15.76 8.14 13.43
N ALA B 8 15.17 7.92 12.26
CA ALA B 8 13.72 7.72 12.19
C ALA B 8 13.31 6.28 12.48
N ARG B 9 12.13 6.12 13.02
CA ARG B 9 11.55 4.81 13.32
C ARG B 9 10.42 4.64 12.32
N LEU B 10 10.24 3.48 11.75
CA LEU B 10 9.15 3.24 10.77
C LEU B 10 7.98 2.53 11.48
N VAL B 11 6.78 3.04 11.27
CA VAL B 11 5.56 2.47 11.89
C VAL B 11 4.44 2.46 10.84
N HIS B 12 3.81 1.30 10.64
CA HIS B 12 2.71 1.27 9.66
C HIS B 12 1.53 2.04 10.23
N THR B 13 0.68 2.61 9.36
CA THR B 13 -0.49 3.33 9.86
C THR B 13 -1.30 2.53 10.88
N ALA B 14 -1.50 1.24 10.61
CA ALA B 14 -2.36 0.45 11.52
C ALA B 14 -1.73 0.22 12.85
N ASP B 15 -0.42 0.49 12.99
CA ASP B 15 0.25 0.35 14.30
C ASP B 15 0.30 1.70 15.07
N LEU B 16 -0.26 2.76 14.51
CA LEU B 16 -0.30 4.06 15.23
C LEU B 16 -1.46 4.14 16.25
N ASP B 17 -1.14 4.41 17.50
CA ASP B 17 -2.22 4.60 18.46
C ASP B 17 -2.83 5.94 18.08
N SER B 18 -4.08 6.17 18.52
CA SER B 18 -4.86 7.36 18.19
C SER B 18 -4.17 8.66 18.55
N GLU B 19 -3.46 8.65 19.66
CA GLU B 19 -2.75 9.84 20.08
C GLU B 19 -1.61 10.17 19.11
N THR B 20 -0.84 9.16 18.71
CA THR B 20 0.27 9.35 17.80
C THR B 20 -0.25 9.77 16.45
N ARG B 21 -1.35 9.18 16.02
CA ARG B 21 -1.91 9.56 14.73
C ARG B 21 -2.30 11.03 14.71
N GLN B 22 -2.90 11.50 15.81
CA GLN B 22 -3.32 12.89 15.86
C GLN B 22 -2.11 13.84 15.92
N ASP B 23 -1.11 13.41 16.70
CA ASP B 23 0.13 14.16 16.85
C ASP B 23 0.76 14.31 15.48
N ILE B 24 0.78 13.22 14.68
CA ILE B 24 1.35 13.32 13.34
C ILE B 24 0.53 14.29 12.44
N ARG B 25 -0.79 14.11 12.40
CA ARG B 25 -1.58 14.93 11.57
C ARG B 25 -1.39 16.41 11.91
N GLN B 26 -1.43 16.69 13.21
CA GLN B 26 -1.30 18.10 13.60
C GLN B 26 0.05 18.69 13.29
N MET B 27 1.07 17.88 13.47
CA MET B 27 2.46 18.42 13.20
C MET B 27 2.63 18.66 11.68
N VAL B 28 2.18 17.67 10.88
CA VAL B 28 2.34 17.84 9.42
C VAL B 28 1.50 18.99 8.95
N THR B 29 0.28 19.11 9.48
CA THR B 29 -0.55 20.16 9.03
C THR B 29 0.03 21.57 9.36
N GLY B 30 0.57 21.71 10.58
CA GLY B 30 1.15 23.01 10.93
C GLY B 30 2.43 23.26 10.11
N ALA B 31 3.18 22.20 9.81
CA ALA B 31 4.41 22.39 9.04
C ALA B 31 4.15 22.98 7.64
N PHE B 32 3.02 22.64 7.05
CA PHE B 32 2.61 23.14 5.75
C PHE B 32 1.85 24.47 5.84
N ALA B 33 1.74 25.01 7.06
CA ALA B 33 1.06 26.30 7.20
C ALA B 33 -0.31 26.41 6.52
N GLY B 34 -1.12 25.35 6.63
CA GLY B 34 -2.43 25.33 6.04
C GLY B 34 -2.62 24.76 4.64
N ASP B 35 -1.51 24.65 3.91
CA ASP B 35 -1.49 24.16 2.54
C ASP B 35 -1.51 22.64 2.61
N PHE B 36 -2.34 22.04 3.41
CA PHE B 36 -2.33 20.56 3.56
C PHE B 36 -3.77 20.28 3.90
N THR B 37 -4.51 19.66 2.98
CA THR B 37 -5.94 19.45 3.07
C THR B 37 -6.31 18.11 3.69
N GLU B 38 -7.60 17.88 3.92
CA GLU B 38 -7.97 16.63 4.52
C GLU B 38 -7.67 15.51 3.51
N THR B 39 -7.68 15.81 2.21
CA THR B 39 -7.39 14.75 1.24
C THR B 39 -5.86 14.53 1.21
N ASP B 40 -5.06 15.58 1.40
CA ASP B 40 -3.60 15.37 1.53
C ASP B 40 -3.34 14.46 2.74
N TRP B 41 -4.08 14.64 3.85
CA TRP B 41 -3.89 13.76 4.99
C TRP B 41 -4.28 12.32 4.64
N GLU B 42 -5.41 12.15 3.92
CA GLU B 42 -5.86 10.81 3.52
C GLU B 42 -4.75 10.12 2.68
N HIS B 43 -4.02 10.93 1.89
CA HIS B 43 -2.94 10.36 1.05
C HIS B 43 -1.72 9.93 1.82
N THR B 44 -1.58 10.27 3.12
CA THR B 44 -0.43 9.87 3.92
C THR B 44 -0.75 8.56 4.61
N LEU B 45 -2.00 8.07 4.49
CA LEU B 45 -2.40 6.83 5.23
C LEU B 45 -2.32 5.58 4.41
N GLY B 46 -1.94 4.48 5.13
CA GLY B 46 -1.95 3.16 4.49
C GLY B 46 -0.66 2.42 4.36
N GLY B 47 0.42 3.16 4.59
CA GLY B 47 1.76 2.64 4.44
C GLY B 47 2.64 2.85 5.68
N MET B 48 3.92 3.01 5.44
CA MET B 48 4.89 3.16 6.51
C MET B 48 5.22 4.62 6.81
N HIS B 49 5.11 5.00 8.07
CA HIS B 49 5.45 6.36 8.49
C HIS B 49 6.82 6.37 9.11
N ALA B 50 7.71 7.20 8.58
CA ALA B 50 9.03 7.41 9.19
C ALA B 50 8.81 8.58 10.19
N LEU B 51 9.19 8.35 11.47
CA LEU B 51 8.91 9.34 12.54
C LEU B 51 10.18 9.55 13.35
N ILE B 52 10.43 10.79 13.70
CA ILE B 52 11.52 11.15 14.61
C ILE B 52 10.87 11.86 15.76
N TRP B 53 11.23 11.42 16.97
CA TRP B 53 10.70 12.03 18.19
C TRP B 53 11.84 12.63 18.97
N HIS B 54 11.50 13.61 19.77
CA HIS B 54 12.48 14.21 20.70
C HIS B 54 11.66 14.44 21.97
N HIS B 55 12.05 13.76 23.04
CA HIS B 55 11.33 13.83 24.33
C HIS B 55 9.81 13.63 24.16
N GLY B 56 9.40 12.56 23.45
CA GLY B 56 7.98 12.29 23.26
C GLY B 56 7.17 13.18 22.33
N ALA B 57 7.84 14.10 21.63
CA ALA B 57 7.14 14.99 20.73
C ALA B 57 7.56 14.55 19.32
N ILE B 58 6.62 14.47 18.38
CA ILE B 58 7.02 14.12 17.01
C ILE B 58 7.59 15.37 16.35
N ILE B 59 8.83 15.30 15.92
CA ILE B 59 9.41 16.46 15.29
C ILE B 59 9.64 16.31 13.79
N ALA B 60 9.42 15.09 13.21
CA ALA B 60 9.60 15.00 11.78
C ALA B 60 8.81 13.74 11.32
N HIS B 61 8.31 13.82 10.07
CA HIS B 61 7.47 12.78 9.49
C HIS B 61 7.60 12.68 8.00
N ALA B 62 7.61 11.43 7.49
CA ALA B 62 7.42 11.24 6.06
C ALA B 62 6.75 9.89 5.89
N ALA B 63 5.77 9.76 5.02
CA ALA B 63 5.10 8.48 4.80
C ALA B 63 5.41 7.95 3.42
N VAL B 64 5.51 6.62 3.29
CA VAL B 64 5.67 6.00 1.95
C VAL B 64 4.47 5.04 1.80
N ILE B 65 3.65 5.32 0.76
CA ILE B 65 2.45 4.53 0.55
C ILE B 65 2.58 3.77 -0.77
N GLN B 66 1.88 2.68 -0.88
CA GLN B 66 1.97 1.87 -2.08
C GLN B 66 0.94 2.31 -3.13
N ARG B 67 1.41 2.44 -4.39
CA ARG B 67 0.48 2.68 -5.53
C ARG B 67 1.16 2.14 -6.78
N ARG B 68 0.46 2.29 -7.93
CA ARG B 68 1.06 1.88 -9.20
C ARG B 68 1.31 3.08 -10.05
N LEU B 69 2.46 3.10 -10.74
CA LEU B 69 2.73 4.12 -11.76
C LEU B 69 2.93 3.40 -13.09
N ILE B 70 2.19 3.81 -14.12
CA ILE B 70 2.27 3.12 -15.42
C ILE B 70 3.33 3.79 -16.32
N TYR B 71 4.29 2.98 -16.70
CA TYR B 71 5.46 3.43 -17.49
C TYR B 71 5.65 2.40 -18.58
N ARG B 72 5.63 2.89 -19.84
CA ARG B 72 5.77 1.98 -21.03
C ARG B 72 4.88 0.73 -20.94
N GLY B 73 3.62 0.95 -20.54
CA GLY B 73 2.66 -0.16 -20.44
C GLY B 73 2.70 -1.04 -19.19
N ASN B 74 3.67 -0.79 -18.31
CA ASN B 74 3.78 -1.65 -17.12
C ASN B 74 3.35 -0.89 -15.91
N ALA B 75 2.55 -1.55 -15.06
CA ALA B 75 2.10 -0.89 -13.81
C ALA B 75 3.16 -1.19 -12.73
N LEU B 76 4.11 -0.27 -12.58
CA LEU B 76 5.24 -0.43 -11.66
C LEU B 76 4.74 -0.30 -10.20
N ARG B 77 5.27 -1.16 -9.35
CA ARG B 77 4.93 -1.14 -7.89
C ARG B 77 5.76 0.00 -7.27
N CYS B 78 5.06 1.04 -6.84
CA CYS B 78 5.67 2.27 -6.41
C CYS B 78 5.47 2.63 -4.94
N GLY B 79 6.58 3.03 -4.28
CA GLY B 79 6.45 3.63 -2.94
C GLY B 79 6.40 5.13 -3.16
N TYR B 80 5.28 5.73 -2.79
CA TYR B 80 5.05 7.16 -3.06
C TYR B 80 5.15 7.94 -1.74
N VAL B 81 5.90 9.01 -1.76
CA VAL B 81 6.20 9.72 -0.51
C VAL B 81 5.26 10.86 -0.27
N GLU B 82 4.69 10.89 0.94
CA GLU B 82 3.68 11.92 1.26
C GLU B 82 3.93 12.52 2.62
N GLY B 83 3.52 13.78 2.77
CA GLY B 83 3.57 14.44 4.07
C GLY B 83 4.92 14.67 4.66
N VAL B 84 5.96 14.91 3.83
CA VAL B 84 7.31 15.14 4.37
C VAL B 84 7.32 16.49 5.13
N ALA B 85 7.67 16.43 6.38
CA ALA B 85 7.60 17.64 7.23
C ALA B 85 8.55 17.54 8.38
N VAL B 86 9.21 18.68 8.66
CA VAL B 86 10.05 18.82 9.86
C VAL B 86 9.42 20.04 10.65
N ARG B 87 9.24 19.84 11.93
CA ARG B 87 8.61 20.91 12.77
C ARG B 87 9.48 22.13 12.62
N ALA B 88 8.84 23.28 12.49
CA ALA B 88 9.59 24.50 12.18
C ALA B 88 10.79 24.83 13.03
N ASP B 89 10.69 24.67 14.34
CA ASP B 89 11.77 24.99 15.24
C ASP B 89 12.91 23.99 15.17
N TRP B 90 12.66 22.83 14.50
CA TRP B 90 13.73 21.85 14.31
C TRP B 90 14.32 21.87 12.89
N ARG B 91 13.97 22.79 12.04
CA ARG B 91 14.52 22.86 10.67
C ARG B 91 15.98 23.28 10.62
N GLY B 92 16.62 22.88 9.52
CA GLY B 92 18.02 23.22 9.28
C GLY B 92 19.01 22.40 10.08
N GLN B 93 18.60 21.22 10.57
CA GLN B 93 19.45 20.30 11.34
C GLN B 93 19.54 18.95 10.55
N ARG B 94 19.12 19.00 9.30
CA ARG B 94 19.12 17.84 8.38
C ARG B 94 18.28 16.68 8.85
N LEU B 95 17.26 16.95 9.66
CA LEU B 95 16.36 15.87 10.06
C LEU B 95 15.71 15.24 8.84
N VAL B 96 15.44 16.00 7.81
CA VAL B 96 14.80 15.42 6.63
C VAL B 96 15.70 14.31 6.03
N SER B 97 17.03 14.42 6.19
CA SER B 97 17.90 13.35 5.67
C SER B 97 17.61 12.05 6.41
N ALA B 98 17.34 12.10 7.72
CA ALA B 98 17.09 10.89 8.47
C ALA B 98 15.72 10.30 8.07
N LEU B 99 14.75 11.16 7.78
CA LEU B 99 13.43 10.70 7.31
C LEU B 99 13.66 9.99 5.99
N LEU B 100 14.40 10.62 5.07
CA LEU B 100 14.52 10.01 3.75
C LEU B 100 15.42 8.76 3.82
N ASP B 101 16.40 8.65 4.71
CA ASP B 101 17.13 7.35 4.80
C ASP B 101 16.11 6.24 5.09
N ALA B 102 15.12 6.47 5.96
CA ALA B 102 14.16 5.41 6.31
C ALA B 102 13.20 5.10 5.12
N VAL B 103 12.66 6.15 4.49
CA VAL B 103 11.78 5.93 3.37
C VAL B 103 12.46 5.23 2.17
N GLU B 104 13.70 5.61 1.87
CA GLU B 104 14.48 4.98 0.77
C GLU B 104 14.80 3.53 1.14
N GLN B 105 15.03 3.19 2.42
CA GLN B 105 15.26 1.81 2.81
C GLN B 105 13.98 0.99 2.49
N VAL B 106 12.81 1.54 2.80
CA VAL B 106 11.59 0.86 2.46
C VAL B 106 11.49 0.63 0.94
N MET B 107 11.80 1.68 0.16
CA MET B 107 11.76 1.51 -1.31
C MET B 107 12.68 0.37 -1.80
N ARG B 108 13.90 0.34 -1.27
CA ARG B 108 14.84 -0.68 -1.74
C ARG B 108 14.34 -2.07 -1.42
N GLY B 109 13.67 -2.22 -0.28
CA GLY B 109 13.23 -3.56 0.12
C GLY B 109 11.88 -3.99 -0.44
N ALA B 110 11.06 -3.06 -0.93
CA ALA B 110 9.71 -3.42 -1.30
C ALA B 110 9.15 -3.01 -2.63
N TYR B 111 9.78 -2.05 -3.27
CA TYR B 111 9.21 -1.46 -4.49
C TYR B 111 10.14 -1.43 -5.66
N GLN B 112 9.56 -1.10 -6.83
CA GLN B 112 10.40 -1.04 -8.06
C GLN B 112 10.96 0.34 -8.23
N LEU B 113 10.27 1.33 -7.69
CA LEU B 113 10.77 2.71 -7.71
C LEU B 113 10.05 3.49 -6.59
N GLY B 114 10.69 4.56 -6.14
CA GLY B 114 10.00 5.57 -5.33
C GLY B 114 9.57 6.69 -6.25
N ALA B 115 8.58 7.44 -5.78
CA ALA B 115 8.18 8.64 -6.52
C ALA B 115 7.55 9.62 -5.54
N LEU B 116 7.47 10.87 -5.96
CA LEU B 116 6.90 11.91 -5.11
C LEU B 116 6.74 13.17 -5.93
N SER B 117 6.02 14.15 -5.37
CA SER B 117 5.76 15.45 -6.00
C SER B 117 6.38 16.51 -5.12
N SER B 118 7.41 17.18 -5.63
CA SER B 118 8.20 18.19 -4.87
C SER B 118 7.86 19.65 -5.25
N SER B 119 7.98 20.52 -4.26
CA SER B 119 7.90 21.98 -4.53
C SER B 119 9.19 22.37 -5.26
N ALA B 120 9.23 23.57 -5.84
CA ALA B 120 10.44 23.94 -6.52
C ALA B 120 11.60 24.09 -5.54
N ARG B 121 11.32 24.54 -4.32
CA ARG B 121 12.49 24.72 -3.48
C ARG B 121 13.07 23.46 -2.89
N ALA B 122 12.27 22.38 -2.83
CA ALA B 122 12.78 21.13 -2.28
C ALA B 122 13.42 20.25 -3.33
N ARG B 123 13.37 20.69 -4.60
CA ARG B 123 13.98 19.94 -5.68
C ARG B 123 15.42 19.61 -5.31
N ARG B 124 16.19 20.55 -4.79
CA ARG B 124 17.61 20.30 -4.51
C ARG B 124 17.82 19.18 -3.51
N LEU B 125 16.96 19.11 -2.53
CA LEU B 125 17.08 18.09 -1.51
C LEU B 125 16.94 16.70 -2.17
N TYR B 126 15.92 16.51 -2.96
CA TYR B 126 15.76 15.20 -3.55
C TYR B 126 16.83 14.87 -4.59
N ALA B 127 17.14 15.81 -5.45
CA ALA B 127 18.16 15.54 -6.40
C ALA B 127 19.48 15.18 -5.76
N SER B 128 19.80 15.81 -4.63
CA SER B 128 21.13 15.55 -4.04
C SER B 128 21.24 14.11 -3.57
N ARG B 129 20.09 13.46 -3.33
CA ARG B 129 20.06 12.07 -2.84
C ARG B 129 19.89 11.04 -3.95
N GLY B 130 19.89 11.49 -5.21
CA GLY B 130 19.74 10.54 -6.28
C GLY B 130 18.35 10.42 -6.89
N TRP B 131 17.43 11.29 -6.47
CA TRP B 131 16.11 11.27 -7.12
C TRP B 131 16.24 12.04 -8.45
N LEU B 132 15.39 11.62 -9.41
CA LEU B 132 15.52 12.17 -10.77
C LEU B 132 14.24 12.94 -11.10
N PRO B 133 14.35 14.15 -11.62
CA PRO B 133 13.18 14.98 -11.99
C PRO B 133 12.56 14.42 -13.24
N TRP B 134 11.27 14.17 -13.24
CA TRP B 134 10.60 13.67 -14.42
C TRP B 134 10.45 14.79 -15.46
N HIS B 135 10.87 14.48 -16.70
CA HIS B 135 10.78 15.53 -17.74
C HIS B 135 9.65 15.25 -18.74
N GLY B 136 9.18 14.01 -18.84
CA GLY B 136 8.10 13.71 -19.80
C GLY B 136 6.75 14.19 -19.25
N PRO B 137 5.69 14.11 -20.06
CA PRO B 137 4.34 14.54 -19.64
C PRO B 137 3.77 13.60 -18.58
N THR B 138 3.18 14.20 -17.54
CA THR B 138 2.58 13.34 -16.50
C THR B 138 1.07 13.24 -16.78
N SER B 139 0.46 12.12 -16.38
CA SER B 139 -0.97 11.91 -16.56
C SER B 139 -1.45 11.07 -15.36
N VAL B 140 -2.80 10.92 -15.30
CA VAL B 140 -3.44 10.07 -14.31
C VAL B 140 -4.43 9.19 -15.05
N LEU B 141 -4.53 7.94 -14.62
CA LEU B 141 -5.48 7.03 -15.25
C LEU B 141 -6.81 7.28 -14.49
N ALA B 142 -7.57 8.28 -14.95
CA ALA B 142 -8.82 8.60 -14.28
C ALA B 142 -9.89 7.59 -14.71
N PRO B 143 -11.05 7.64 -14.03
CA PRO B 143 -12.11 6.71 -14.40
C PRO B 143 -12.60 6.76 -15.84
N THR B 144 -12.33 7.86 -16.52
CA THR B 144 -12.70 8.09 -17.95
C THR B 144 -11.54 7.68 -18.86
N GLY B 145 -10.38 7.38 -18.29
CA GLY B 145 -9.24 7.00 -19.09
C GLY B 145 -8.10 7.97 -18.76
N PRO B 146 -7.00 7.83 -19.50
CA PRO B 146 -5.85 8.71 -19.27
C PRO B 146 -6.19 10.19 -19.41
N VAL B 147 -5.75 11.00 -18.46
CA VAL B 147 -5.98 12.45 -18.47
C VAL B 147 -4.61 13.11 -18.11
N ARG B 148 -4.08 14.04 -18.93
CA ARG B 148 -2.82 14.71 -18.58
C ARG B 148 -3.02 15.57 -17.34
N THR B 149 -1.96 15.70 -16.54
CA THR B 149 -1.92 16.45 -15.31
C THR B 149 -0.90 17.56 -15.40
N PRO B 150 -1.15 18.55 -16.29
CA PRO B 150 -0.17 19.62 -16.43
C PRO B 150 0.18 20.43 -15.18
N ASP B 151 -0.71 20.57 -14.20
CA ASP B 151 -0.38 21.32 -12.99
C ASP B 151 0.68 20.60 -12.17
N ASP B 152 0.88 19.30 -12.44
CA ASP B 152 1.93 18.57 -11.68
C ASP B 152 3.24 18.40 -12.44
N ASP B 153 3.21 18.81 -13.68
CA ASP B 153 4.46 18.71 -14.46
C ASP B 153 5.52 19.57 -13.79
N GLY B 154 6.76 19.08 -13.81
CA GLY B 154 7.81 19.80 -13.14
C GLY B 154 7.99 19.61 -11.62
N THR B 155 7.10 18.77 -11.06
CA THR B 155 7.14 18.45 -9.65
C THR B 155 7.44 16.97 -9.39
N VAL B 156 7.26 16.10 -10.38
CA VAL B 156 7.48 14.69 -10.04
C VAL B 156 8.93 14.28 -10.02
N PHE B 157 9.32 13.52 -8.99
CA PHE B 157 10.69 12.92 -8.92
C PHE B 157 10.53 11.46 -8.73
N VAL B 158 11.48 10.70 -9.25
CA VAL B 158 11.48 9.23 -9.12
C VAL B 158 12.81 8.71 -8.57
N LEU B 159 12.75 7.57 -7.87
CA LEU B 159 14.00 6.98 -7.38
C LEU B 159 13.97 5.55 -7.92
N PRO B 160 14.70 5.27 -9.02
CA PRO B 160 14.66 3.87 -9.57
C PRO B 160 15.37 2.89 -8.63
N ILE B 161 14.78 1.72 -8.45
CA ILE B 161 15.41 0.69 -7.61
C ILE B 161 15.93 -0.39 -8.55
N ASP B 162 15.04 -1.15 -9.10
CA ASP B 162 15.49 -2.23 -9.94
C ASP B 162 15.23 -2.02 -11.42
N ILE B 163 15.48 -0.79 -11.87
CA ILE B 163 15.34 -0.38 -13.27
C ILE B 163 16.05 0.96 -13.77
N SER B 164 16.31 1.03 -15.08
CA SER B 164 16.83 2.27 -15.65
C SER B 164 15.49 2.80 -16.23
N LEU B 165 15.28 4.09 -16.08
CA LEU B 165 14.06 4.73 -16.61
C LEU B 165 14.45 5.82 -17.64
N ASP B 166 13.58 5.94 -18.66
CA ASP B 166 13.67 7.00 -19.67
C ASP B 166 12.75 8.07 -19.06
N THR B 167 13.35 9.09 -18.44
CA THR B 167 12.56 10.04 -17.69
C THR B 167 11.87 11.09 -18.56
N SER B 168 12.00 10.92 -19.91
CA SER B 168 11.26 11.81 -20.80
C SER B 168 10.09 11.07 -21.46
N ALA B 169 9.81 9.81 -21.02
CA ALA B 169 8.63 9.11 -21.47
C ALA B 169 7.42 9.62 -20.66
N GLU B 170 6.24 9.18 -21.04
CA GLU B 170 5.05 9.44 -20.24
C GLU B 170 5.12 8.70 -18.91
N LEU B 171 4.49 9.25 -17.89
CA LEU B 171 4.38 8.56 -16.58
C LEU B 171 2.92 8.81 -16.14
N MET B 172 2.21 7.74 -15.81
CA MET B 172 0.79 7.87 -15.47
C MET B 172 0.45 7.26 -14.12
N CYS B 173 0.05 8.13 -13.18
CA CYS B 173 -0.26 7.62 -11.84
C CYS B 173 -1.67 7.08 -11.81
N ASP B 174 -1.96 6.36 -10.75
CA ASP B 174 -3.32 5.82 -10.56
C ASP B 174 -4.20 6.85 -9.89
N TRP B 175 -5.52 6.60 -9.93
CA TRP B 175 -6.46 7.61 -9.49
C TRP B 175 -6.74 7.68 -7.99
N ARG B 176 -6.97 8.90 -7.52
CA ARG B 176 -7.43 9.15 -6.15
C ARG B 176 -8.04 10.56 -6.09
N ALA B 177 -8.70 10.89 -5.02
CA ALA B 177 -9.30 12.25 -4.85
C ALA B 177 -8.24 13.27 -4.58
N GLY B 178 -8.58 14.58 -4.66
CA GLY B 178 -7.60 15.63 -4.40
C GLY B 178 -6.47 15.59 -5.45
N ASP B 179 -5.29 15.94 -4.98
CA ASP B 179 -4.15 15.94 -5.90
C ASP B 179 -3.76 14.48 -6.19
N VAL B 180 -3.70 14.11 -7.46
CA VAL B 180 -3.38 12.73 -7.85
C VAL B 180 -1.88 12.50 -7.69
N TRP B 181 -1.07 13.53 -7.88
CA TRP B 181 0.36 13.47 -7.61
C TRP B 181 0.64 14.18 -6.31
N1A COA C . -6.85 -29.91 3.86
C2A COA C . -7.82 -29.22 3.28
N3A COA C . -8.96 -28.86 3.88
C4A COA C . -9.12 -29.25 5.17
C5A COA C . -8.22 -29.94 5.87
C6A COA C . -7.01 -30.30 5.15
N6A COA C . -6.10 -30.98 5.77
N7A COA C . -8.62 -30.18 7.15
C8A COA C . -9.82 -29.61 7.26
N9A COA C . -10.09 -29.06 6.10
C1B COA C . -11.22 -28.22 5.67
C2B COA C . -12.45 -28.27 6.49
O2B COA C . -13.52 -28.30 5.47
C3B COA C . -12.50 -26.85 7.13
O3B COA C . -13.82 -26.46 7.40
P3B COA C . -14.46 -26.74 8.90
O7A COA C . -15.80 -26.09 8.73
O8A COA C . -13.58 -26.10 9.98
O9A COA C . -14.53 -28.24 9.04
C4B COA C . -11.81 -25.96 6.09
O4B COA C . -10.78 -26.82 5.55
C5B COA C . -11.06 -24.74 6.64
O5B COA C . -10.35 -25.16 7.82
P1A COA C . -9.72 -24.04 8.79
O1A COA C . -10.77 -22.98 9.18
O2A COA C . -9.02 -24.73 9.86
O3A COA C . -8.71 -23.30 7.81
P2A COA C . -7.13 -23.49 7.62
O4A COA C . -6.35 -22.86 8.75
O5A COA C . -6.85 -24.97 7.30
O6A COA C . -6.85 -22.68 6.31
CBP COA C . -7.06 -22.24 3.92
CCP COA C . -7.80 -22.54 5.24
CDP COA C . -8.09 -21.86 2.83
CEP COA C . -6.15 -20.99 4.18
CAP COA C . -6.21 -23.42 3.48
OAP COA C . -7.09 -24.52 3.14
C9P COA C . -5.28 -23.16 2.30
O9P COA C . -4.15 -22.75 2.51
N8P COA C . -5.75 -23.48 1.04
C7P COA C . -4.89 -23.32 -0.11
C6P COA C . -4.75 -21.84 -0.61
C5P COA C . -6.01 -21.10 -0.80
O5P COA C . -6.89 -21.59 -1.45
N4P COA C . -6.10 -19.91 -0.11
C3P COA C . -7.34 -19.20 0.20
C2P COA C . -7.68 -18.29 -0.87
S1P COA C . -9.37 -17.62 -0.64
C1 KAN D . -6.67 -16.42 -5.25
C2 KAN D . -5.98 -15.84 -4.03
C3 KAN D . -4.86 -14.96 -4.56
C4 KAN D . -3.83 -15.82 -5.24
C5 KAN D . -4.51 -16.51 -6.39
C6 KAN D . -3.54 -17.49 -7.11
C7 KAN D . -9.71 -14.89 -9.35
C8 KAN D . -9.51 -16.33 -8.87
C9 KAN D . -8.94 -16.31 -7.43
C10 KAN D . -7.58 -15.56 -7.43
C11 KAN D . -7.80 -14.11 -7.92
C12 KAN D . -8.41 -14.12 -9.35
C13 KAN D . -10.88 -18.21 -9.73
C14 KAN D . -12.33 -18.34 -10.18
C15 KAN D . -13.22 -18.65 -8.96
C16 KAN D . -12.74 -19.96 -8.27
C17 KAN D . -11.32 -19.72 -7.82
C18 KAN D . -10.65 -20.90 -7.10
N1 KAN D . -4.24 -17.92 -8.39
N2 KAN D . -6.50 -13.42 -7.94
N3 KAN D . -10.35 -14.92 -10.73
N4 KAN D . -14.65 -18.69 -9.29
O5 KAN D . -5.75 -17.13 -6.03
O6 KAN D . -6.95 -15.03 -3.30
O7 KAN D . -4.19 -14.27 -3.46
O8 KAN D . -2.81 -15.03 -5.81
O9 KAN D . -7.16 -15.35 -6.06
O10 KAN D . -8.75 -17.71 -7.00
O11 KAN D . -10.76 -17.04 -8.84
O12 KAN D . -10.55 -19.39 -8.99
O13 KAN D . -12.74 -17.15 -10.79
O14 KAN D . -13.54 -20.21 -7.14
O15 KAN D . -10.65 -22.07 -7.97
PB PAP E . 7.36 -33.57 20.78
O1B PAP E . 6.00 -34.22 21.05
O2B PAP E . 8.47 -34.52 21.08
O3B PAP E . 7.64 -32.38 21.91
PA PAP E . 6.85 -31.80 18.38
O1A PAP E . 7.90 -30.86 17.93
O2A PAP E . 5.71 -31.13 19.10
O3A PAP E . 7.51 -33.05 19.22
O5' PAP E . 6.14 -32.54 17.09
C5' PAP E . 6.85 -33.38 16.13
C4' PAP E . 6.74 -32.78 14.70
O4' PAP E . 5.34 -32.75 14.31
C3' PAP E . 7.25 -31.34 14.48
O3' PAP E . 7.63 -31.07 13.13
P PAP E . 9.20 -30.81 12.76
O1 PAP E . 9.96 -32.00 13.38
O2 PAP E . 9.58 -29.47 13.26
O3 PAP E . 9.25 -30.86 11.25
C2' PAP E . 6.02 -30.55 14.85
O2' PAP E . 6.03 -29.23 14.31
C1' PAP E . 4.96 -31.36 14.10
N9 PAP E . 3.58 -31.08 14.56
C8 PAP E . 3.15 -31.22 15.89
N7 PAP E . 1.85 -31.05 15.95
C5 PAP E . 1.42 -30.97 14.59
C6 PAP E . 0.07 -30.89 14.06
N6 PAP E . -1.01 -30.89 14.93
N1 PAP E . -0.05 -30.98 12.72
C2 PAP E . 1.07 -31.17 11.94
N3 PAP E . 2.34 -31.01 12.33
C4 PAP E . 2.51 -31.04 13.69
N1A COA F . 13.77 27.56 9.23
C2A COA F . 13.25 27.31 7.97
N3A COA F . 13.92 26.81 6.89
C4A COA F . 15.27 26.52 7.06
C5A COA F . 15.91 26.74 8.33
C6A COA F . 15.11 27.28 9.46
N6A COA F . 15.72 27.49 10.69
N7A COA F . 17.28 26.38 8.28
C8A COA F . 17.51 25.95 7.05
N9A COA F . 16.35 26.03 6.28
C1B COA F . 16.23 25.64 4.81
C2B COA F . 17.46 25.92 3.93
O2B COA F . 17.02 26.51 2.70
C3B COA F . 18.00 24.52 3.64
O3B COA F . 18.78 24.45 2.42
P3B COA F . 20.34 23.82 2.40
O7A COA F . 20.58 23.50 0.94
O8A COA F . 20.42 22.63 3.33
O9A COA F . 21.24 24.96 2.87
C4B COA F . 16.69 23.70 3.58
O4B COA F . 15.83 24.27 4.56
C5B COA F . 16.83 22.22 3.91
O5B COA F . 17.44 22.09 5.18
P1A COA F . 17.53 20.67 5.93
O1A COA F . 18.31 19.61 5.12
O2A COA F . 18.09 20.88 7.26
O3A COA F . 15.98 20.24 5.94
P2A COA F . 14.95 20.13 7.15
O4A COA F . 15.25 19.07 8.05
O5A COA F . 14.86 21.50 7.82
O6A COA F . 13.60 19.86 6.41
CBP COA F . 11.74 20.42 4.92
CCP COA F . 13.27 20.37 5.13
CDP COA F . 11.39 20.77 3.47
CEP COA F . 11.17 19.01 5.21
CAP COA F . 11.13 21.46 5.92
OAP COA F . 11.61 22.82 5.56
C9P COA F . 9.61 21.49 6.02
O9P COA F . 9.02 20.69 6.72
N8P COA F . 9.00 22.33 5.16
C7P COA F . 7.54 22.51 5.11
C6P COA F . 6.82 21.24 4.51
C5P COA F . 7.28 20.94 3.12
O5P COA F . 7.40 21.85 2.25
N4P COA F . 7.68 19.63 2.93
C3P COA F . 8.26 19.12 1.67
C2P COA F . 7.20 18.82 0.65
S1P COA F . 8.01 18.17 -0.91
C1 KAN G . 3.42 18.47 -1.63
C2 KAN G . 3.82 17.26 -0.79
C3 KAN G . 2.59 16.46 -0.47
C4 KAN G . 1.65 17.34 0.39
C5 KAN G . 1.27 18.51 -0.43
C6 KAN G . 0.45 19.47 0.42
C7 KAN G . 1.75 19.48 -6.62
C8 KAN G . 2.28 20.50 -5.61
C9 KAN G . 3.08 19.77 -4.49
C10 KAN G . 2.14 18.76 -3.78
C11 KAN G . 1.53 17.76 -4.79
C12 KAN G . 0.77 18.48 -5.92
C13 KAN G . 2.49 22.83 -6.34
C14 KAN G . 2.95 23.39 -7.69
C15 KAN G . 4.50 23.60 -7.68
C16 KAN G . 4.92 24.43 -6.45
C17 KAN G . 4.41 23.77 -5.17
C18 KAN G . 4.77 24.48 -3.83
N1 KAN G . -0.12 20.59 -0.38
N2 KAN G . 0.58 16.87 -4.09
N3 KAN G . 1.05 20.18 -7.73
N4 KAN G . 4.96 24.23 -8.96
O5 KAN G . 2.41 19.24 -0.89
O6 KAN G . 4.72 16.41 -1.55
O7 KAN G . 2.93 15.26 0.31
O8 KAN G . 0.41 16.62 0.65
O9 KAN G . 2.84 17.96 -2.81
O10 KAN G . 3.62 20.72 -3.56
O11 KAN G . 3.10 21.48 -6.25
O12 KAN G . 3.02 23.53 -5.23
O13 KAN G . 2.52 22.52 -8.77
O14 KAN G . 6.35 24.56 -6.35
O15 KAN G . 4.14 25.78 -3.76
#